data_4JCP
#
_entry.id   4JCP
#
_cell.length_a   57.830
_cell.length_b   57.830
_cell.length_c   97.100
_cell.angle_alpha   90.000
_cell.angle_beta   90.000
_cell.angle_gamma   120.000
#
_symmetry.space_group_name_H-M   'P 31 2 1'
#
loop_
_entity.id
_entity.type
_entity.pdbx_description
1 polymer 'Peptidyl-prolyl cis-trans isomerase'
2 non-polymer 'SULFATE ION'
3 non-polymer 'CHLORIDE ION'
4 water water
#
_entity_poly.entity_id   1
_entity_poly.type   'polypeptide(L)'
_entity_poly.pdbx_seq_one_letter_code
;GPGSMSRPKVFFDITIGGSNAGRIVMELFADIVPKTAENFRCLCTGERGMGRSGKKLHYKGSKFHRVIPNFMLQGGDFTR
GNGTGGESIYGEKFPDENFQEKHTGPGVLSMANAGPNTNGSQFFICTAKTEWLDGKHVVFGRVVEGMNVVKAVESKGSQS
GRTSADIVISDCGQL
;
_entity_poly.pdbx_strand_id   A
#
loop_
_chem_comp.id
_chem_comp.type
_chem_comp.name
_chem_comp.formula
CL non-polymer 'CHLORIDE ION' 'Cl -1'
SO4 non-polymer 'SULFATE ION' 'O4 S -2'
#
# COMPACT_ATOMS: atom_id res chain seq x y z
N SER A 6 19.28 -8.10 -1.64
CA SER A 6 18.39 -8.95 -0.79
C SER A 6 17.21 -8.21 -0.11
N ARG A 7 16.80 -7.06 -0.64
CA ARG A 7 15.48 -6.56 -0.33
C ARG A 7 14.51 -7.26 -1.28
N PRO A 8 13.40 -7.79 -0.76
CA PRO A 8 12.41 -8.38 -1.68
C PRO A 8 11.80 -7.33 -2.60
N LYS A 9 11.41 -7.76 -3.79
CA LYS A 9 10.66 -6.91 -4.71
C LYS A 9 9.32 -7.54 -4.96
N VAL A 10 8.28 -6.71 -4.95
CA VAL A 10 6.92 -7.13 -5.19
C VAL A 10 6.30 -6.18 -6.21
N PHE A 11 5.14 -6.56 -6.73
CA PHE A 11 4.51 -5.77 -7.78
C PHE A 11 2.99 -5.76 -7.66
N PHE A 12 2.41 -4.68 -8.18
CA PHE A 12 0.99 -4.59 -8.46
C PHE A 12 0.84 -4.38 -9.97
N ASP A 13 -0.03 -5.14 -10.61
CA ASP A 13 -0.56 -4.73 -11.92
C ASP A 13 -1.87 -4.02 -11.64
N ILE A 14 -2.02 -2.84 -12.23
CA ILE A 14 -3.13 -1.93 -11.93
C ILE A 14 -4.07 -1.88 -13.11
N THR A 15 -5.37 -1.92 -12.83
CA THR A 15 -6.37 -1.57 -13.83
C THR A 15 -7.10 -0.28 -13.45
N ILE A 16 -7.45 0.48 -14.47
CA ILE A 16 -8.24 1.69 -14.32
C ILE A 16 -9.49 1.47 -15.15
N GLY A 17 -10.66 1.49 -14.53
CA GLY A 17 -11.89 1.15 -15.25
C GLY A 17 -11.86 -0.23 -15.91
N GLY A 18 -11.12 -1.16 -15.30
CA GLY A 18 -11.01 -2.53 -15.80
C GLY A 18 -9.86 -2.79 -16.78
N SER A 19 -9.22 -1.73 -17.28
CA SER A 19 -8.16 -1.86 -18.28
C SER A 19 -6.79 -1.64 -17.69
N ASN A 20 -5.83 -2.43 -18.16
CA ASN A 20 -4.49 -2.31 -17.60
C ASN A 20 -3.94 -0.91 -17.74
N ALA A 21 -3.31 -0.46 -16.67
CA ALA A 21 -2.61 0.82 -16.65
C ALA A 21 -1.10 0.63 -16.56
N GLY A 22 -0.67 -0.56 -16.17
CA GLY A 22 0.74 -0.87 -16.00
C GLY A 22 1.09 -1.47 -14.66
N ARG A 23 2.39 -1.68 -14.46
CA ARG A 23 2.91 -2.35 -13.27
C ARG A 23 3.67 -1.38 -12.37
N ILE A 24 3.42 -1.49 -11.06
CA ILE A 24 4.19 -0.80 -10.06
C ILE A 24 5.05 -1.85 -9.38
N VAL A 25 6.36 -1.63 -9.36
CA VAL A 25 7.31 -2.55 -8.71
C VAL A 25 7.85 -1.82 -7.49
N MET A 26 7.85 -2.53 -6.37
CA MET A 26 8.22 -1.95 -5.08
C MET A 26 9.34 -2.77 -4.44
N GLU A 27 10.27 -2.10 -3.81
CA GLU A 27 11.31 -2.76 -3.02
C GLU A 27 10.95 -2.59 -1.55
N LEU A 28 11.10 -3.66 -0.77
CA LEU A 28 10.71 -3.63 0.64
C LEU A 28 11.94 -3.65 1.55
N PHE A 29 11.91 -2.81 2.60
CA PHE A 29 13.08 -2.60 3.46
C PHE A 29 13.12 -3.68 4.55
N ALA A 30 13.34 -4.92 4.12
CA ALA A 30 13.34 -6.05 5.03
C ALA A 30 14.52 -5.97 6.00
N ASP A 31 15.55 -5.26 5.58
CA ASP A 31 16.72 -4.98 6.41
C ASP A 31 16.48 -4.01 7.58
N ILE A 32 15.41 -3.23 7.48
CA ILE A 32 15.11 -2.18 8.46
C ILE A 32 13.84 -2.50 9.23
N VAL A 33 12.79 -2.95 8.52
CA VAL A 33 11.50 -3.28 9.11
C VAL A 33 11.04 -4.66 8.61
N PRO A 34 11.74 -5.70 9.08
CA PRO A 34 11.43 -7.02 8.55
C PRO A 34 10.01 -7.53 8.78
N LYS A 35 9.42 -7.24 9.94
CA LYS A 35 8.06 -7.75 10.22
C LYS A 35 7.03 -7.05 9.34
N THR A 36 7.23 -5.76 9.14
CA THR A 36 6.35 -4.95 8.31
C THR A 36 6.50 -5.33 6.85
N ALA A 37 7.74 -5.54 6.41
CA ALA A 37 7.99 -5.96 5.03
C ALA A 37 7.38 -7.33 4.76
N GLU A 38 7.46 -8.24 5.73
CA GLU A 38 6.95 -9.58 5.55
C GLU A 38 5.43 -9.57 5.43
N ASN A 39 4.77 -8.75 6.26
CA ASN A 39 3.33 -8.57 6.12
C ASN A 39 2.95 -8.16 4.70
N PHE A 40 3.60 -7.11 4.19
CA PHE A 40 3.27 -6.59 2.87
C PHE A 40 3.60 -7.62 1.78
N ARG A 41 4.76 -8.26 1.90
CA ARG A 41 5.15 -9.29 0.92
C ARG A 41 4.10 -10.39 0.87
N CYS A 42 3.66 -10.86 2.04
CA CYS A 42 2.68 -11.94 2.08
C CYS A 42 1.33 -11.50 1.55
N LEU A 43 0.95 -10.25 1.77
CA LEU A 43 -0.32 -9.75 1.21
C LEU A 43 -0.25 -9.65 -0.33
N CYS A 44 0.94 -9.44 -0.87
CA CYS A 44 1.14 -9.49 -2.31
C CYS A 44 1.03 -10.91 -2.87
N THR A 45 1.60 -11.89 -2.18
CA THR A 45 1.59 -13.26 -2.69
C THR A 45 0.33 -14.04 -2.34
N GLY A 46 -0.32 -13.64 -1.26
CA GLY A 46 -1.44 -14.39 -0.70
C GLY A 46 -1.07 -15.64 0.09
N GLU A 47 0.22 -15.86 0.32
CA GLU A 47 0.67 -17.17 0.78
C GLU A 47 0.22 -17.61 2.17
N ARG A 48 -0.19 -16.68 3.02
CA ARG A 48 -0.61 -17.04 4.39
C ARG A 48 -2.04 -17.56 4.49
N GLY A 49 -2.82 -17.50 3.42
CA GLY A 49 -4.16 -18.04 3.43
C GLY A 49 -5.23 -17.05 3.91
N MET A 50 -5.92 -17.39 5.00
CA MET A 50 -7.08 -16.64 5.47
CA MET A 50 -7.08 -16.62 5.48
C MET A 50 -6.78 -15.79 6.70
N GLY A 51 -7.38 -14.61 6.76
CA GLY A 51 -7.21 -13.72 7.90
C GLY A 51 -8.31 -13.88 8.95
N ARG A 52 -8.27 -13.02 9.96
CA ARG A 52 -9.30 -13.00 11.00
C ARG A 52 -10.68 -12.85 10.40
N SER A 53 -10.75 -12.12 9.29
CA SER A 53 -11.99 -11.85 8.60
C SER A 53 -12.61 -13.07 7.94
N GLY A 54 -11.85 -14.15 7.82
CA GLY A 54 -12.24 -15.30 7.03
C GLY A 54 -12.15 -15.06 5.53
N LYS A 55 -11.48 -13.98 5.16
CA LYS A 55 -11.21 -13.66 3.76
C LYS A 55 -9.73 -13.84 3.50
N LYS A 56 -9.37 -14.01 2.22
CA LYS A 56 -7.97 -14.26 1.85
C LYS A 56 -7.09 -13.06 2.17
N LEU A 57 -5.94 -13.31 2.80
CA LEU A 57 -4.92 -12.29 3.07
C LEU A 57 -4.17 -12.00 1.78
N HIS A 58 -4.76 -11.18 0.94
CA HIS A 58 -4.26 -11.01 -0.43
C HIS A 58 -4.79 -9.69 -1.00
N TYR A 59 -3.90 -8.86 -1.54
CA TYR A 59 -4.30 -7.60 -2.17
C TYR A 59 -4.98 -7.80 -3.53
N LYS A 60 -4.86 -8.98 -4.11
CA LYS A 60 -5.38 -9.20 -5.46
C LYS A 60 -6.88 -8.95 -5.52
N GLY A 61 -7.27 -8.09 -6.46
CA GLY A 61 -8.66 -7.72 -6.65
C GLY A 61 -9.13 -6.55 -5.82
N SER A 62 -8.30 -6.06 -4.91
CA SER A 62 -8.69 -4.94 -4.04
C SER A 62 -8.57 -3.62 -4.77
N LYS A 63 -9.28 -2.62 -4.29
CA LYS A 63 -9.32 -1.30 -4.91
C LYS A 63 -8.56 -0.28 -4.07
N PHE A 64 -8.13 0.79 -4.70
CA PHE A 64 -7.64 1.96 -3.96
C PHE A 64 -8.86 2.77 -3.50
N HIS A 65 -8.98 3.02 -2.20
CA HIS A 65 -10.18 3.67 -1.67
C HIS A 65 -10.08 5.19 -1.81
N ARG A 66 -8.87 5.73 -1.78
CA ARG A 66 -8.67 7.17 -1.87
C ARG A 66 -7.42 7.46 -2.69
N VAL A 67 -7.57 8.33 -3.69
CA VAL A 67 -6.46 8.77 -4.50
C VAL A 67 -6.50 10.29 -4.50
N ILE A 68 -5.46 10.91 -3.97
CA ILE A 68 -5.42 12.37 -3.76
C ILE A 68 -4.24 12.97 -4.50
N PRO A 69 -4.52 13.72 -5.57
CA PRO A 69 -3.46 14.33 -6.33
C PRO A 69 -2.56 15.20 -5.46
N ASN A 70 -1.25 15.08 -5.69
CA ASN A 70 -0.23 15.86 -5.01
C ASN A 70 -0.10 15.48 -3.54
N PHE A 71 -0.54 14.26 -3.20
CA PHE A 71 -0.46 13.74 -1.84
C PHE A 71 -0.11 12.25 -1.87
N MET A 72 -1.07 11.38 -2.17
CA MET A 72 -0.78 9.96 -2.18
C MET A 72 -1.94 9.13 -2.72
N LEU A 73 -1.63 7.87 -3.01
CA LEU A 73 -2.61 6.82 -3.22
C LEU A 73 -2.77 6.04 -1.92
N GLN A 74 -4.00 5.70 -1.56
CA GLN A 74 -4.28 4.94 -0.36
C GLN A 74 -5.06 3.68 -0.74
N GLY A 75 -4.52 2.52 -0.39
CA GLY A 75 -5.13 1.23 -0.75
C GLY A 75 -4.92 0.20 0.34
N GLY A 76 -5.21 -1.05 -0.01
CA GLY A 76 -4.95 -2.18 0.88
C GLY A 76 -6.13 -2.66 1.71
N ASP A 77 -7.28 -2.01 1.58
CA ASP A 77 -8.45 -2.45 2.31
C ASP A 77 -9.13 -3.53 1.48
N PHE A 78 -8.65 -4.76 1.63
CA PHE A 78 -9.12 -5.85 0.81
C PHE A 78 -10.38 -6.50 1.37
N THR A 79 -10.82 -6.13 2.57
CA THR A 79 -12.06 -6.66 3.14
C THR A 79 -13.27 -5.75 2.84
N ARG A 80 -13.05 -4.43 2.73
CA ARG A 80 -14.17 -3.48 2.50
C ARG A 80 -13.97 -2.47 1.35
N GLY A 81 -12.72 -2.24 0.94
CA GLY A 81 -12.40 -1.28 -0.11
C GLY A 81 -12.83 0.17 0.11
N ASN A 82 -13.02 0.55 1.37
CA ASN A 82 -13.45 1.92 1.68
C ASN A 82 -12.61 2.65 2.72
N GLY A 83 -11.56 1.99 3.21
CA GLY A 83 -10.65 2.58 4.17
C GLY A 83 -10.97 2.27 5.62
N THR A 84 -11.98 1.42 5.85
CA THR A 84 -12.33 1.01 7.20
C THR A 84 -12.01 -0.46 7.49
N GLY A 85 -11.63 -1.22 6.46
CA GLY A 85 -11.27 -2.63 6.66
C GLY A 85 -9.78 -2.91 6.54
N GLY A 86 -9.45 -4.14 6.18
CA GLY A 86 -8.07 -4.57 6.15
C GLY A 86 -7.63 -5.27 7.43
N GLU A 87 -6.61 -6.08 7.30
CA GLU A 87 -6.05 -6.80 8.43
C GLU A 87 -4.66 -7.28 8.01
N SER A 88 -3.82 -7.56 8.98
CA SER A 88 -2.48 -8.04 8.71
C SER A 88 -2.40 -9.57 8.83
N ILE A 89 -1.24 -10.08 8.45
CA ILE A 89 -0.93 -11.50 8.64
C ILE A 89 -0.79 -11.88 10.12
N TYR A 90 -0.66 -10.88 10.99
CA TYR A 90 -0.47 -11.08 12.41
C TYR A 90 -1.78 -11.03 13.18
N GLY A 91 -2.87 -10.76 12.46
CA GLY A 91 -4.17 -10.49 13.07
C GLY A 91 -4.66 -9.11 12.66
N GLU A 92 -5.64 -8.60 13.39
CA GLU A 92 -6.28 -7.33 13.03
C GLU A 92 -5.30 -6.17 13.00
N LYS A 93 -4.39 -6.13 13.99
CA LYS A 93 -3.40 -5.04 14.08
C LYS A 93 -2.02 -5.59 14.46
N PHE A 94 -0.98 -4.79 14.21
CA PHE A 94 0.36 -5.08 14.69
C PHE A 94 1.18 -3.83 15.03
N PRO A 95 2.21 -3.99 15.88
CA PRO A 95 2.91 -2.81 16.38
C PRO A 95 3.71 -2.05 15.33
N ASP A 96 3.93 -0.77 15.62
CA ASP A 96 4.89 0.05 14.87
C ASP A 96 6.30 -0.47 15.12
N GLU A 97 6.93 -0.98 14.08
CA GLU A 97 8.23 -1.65 14.23
C GLU A 97 9.35 -0.67 14.58
N ASN A 98 9.49 0.36 13.75
CA ASN A 98 10.32 1.53 14.02
C ASN A 98 9.95 2.63 13.02
N PHE A 99 10.50 3.83 13.22
CA PHE A 99 10.25 4.96 12.34
C PHE A 99 11.57 5.45 11.70
N GLN A 100 12.45 4.50 11.39
CA GLN A 100 13.79 4.82 10.90
CA GLN A 100 13.78 4.85 10.91
C GLN A 100 13.74 5.51 9.54
N GLU A 101 12.94 4.96 8.63
CA GLU A 101 12.82 5.50 7.29
C GLU A 101 11.75 6.59 7.29
N LYS A 102 12.00 7.62 6.47
CA LYS A 102 11.18 8.82 6.51
C LYS A 102 10.43 9.03 5.20
N HIS A 103 9.45 9.92 5.25
CA HIS A 103 8.63 10.28 4.10
C HIS A 103 9.34 11.36 3.30
N THR A 104 10.23 10.95 2.42
CA THR A 104 11.16 11.85 1.77
C THR A 104 10.70 12.39 0.42
N GLY A 105 9.69 11.77 -0.17
CA GLY A 105 9.23 12.19 -1.46
C GLY A 105 8.32 11.22 -2.16
N PRO A 106 8.06 11.46 -3.45
CA PRO A 106 7.25 10.52 -4.22
C PRO A 106 7.83 9.12 -4.21
N GLY A 107 6.95 8.13 -4.14
CA GLY A 107 7.35 6.72 -4.23
C GLY A 107 7.52 6.04 -2.88
N VAL A 108 7.46 6.81 -1.79
CA VAL A 108 7.56 6.25 -0.45
C VAL A 108 6.35 5.36 -0.16
N LEU A 109 6.62 4.15 0.37
CA LEU A 109 5.57 3.22 0.81
CA LEU A 109 5.60 3.21 0.77
C LEU A 109 5.50 3.22 2.31
N SER A 110 4.31 3.52 2.83
CA SER A 110 4.12 3.72 4.25
C SER A 110 2.82 3.07 4.70
N MET A 111 2.77 2.64 5.96
CA MET A 111 1.55 2.02 6.50
C MET A 111 0.54 3.04 6.97
N ALA A 112 -0.71 2.86 6.56
CA ALA A 112 -1.83 3.61 7.13
C ALA A 112 -2.08 3.05 8.52
N ASN A 113 -2.74 3.82 9.37
CA ASN A 113 -3.08 3.31 10.70
C ASN A 113 -4.20 4.13 11.35
N ALA A 114 -4.60 3.74 12.54
CA ALA A 114 -5.57 4.49 13.36
C ALA A 114 -4.95 4.71 14.73
N GLY A 115 -3.77 5.32 14.69
CA GLY A 115 -2.99 5.63 15.88
C GLY A 115 -1.89 4.63 16.12
N PRO A 116 -1.19 4.77 17.26
CA PRO A 116 -0.03 3.92 17.55
C PRO A 116 -0.35 2.43 17.57
N ASN A 117 0.52 1.64 16.94
CA ASN A 117 0.44 0.19 16.94
C ASN A 117 -0.88 -0.38 16.41
N THR A 118 -1.34 0.17 15.29
CA THR A 118 -2.57 -0.32 14.66
C THR A 118 -2.38 -0.59 13.17
N ASN A 119 -1.19 -1.04 12.79
CA ASN A 119 -0.94 -1.41 11.39
C ASN A 119 -1.77 -2.62 11.01
N GLY A 120 -2.30 -2.59 9.78
CA GLY A 120 -3.09 -3.71 9.26
C GLY A 120 -2.59 -4.07 7.87
N SER A 121 -3.43 -3.82 6.86
CA SER A 121 -3.05 -4.01 5.47
C SER A 121 -3.06 -2.73 4.66
N GLN A 122 -3.70 -1.69 5.17
CA GLN A 122 -3.79 -0.47 4.39
C GLN A 122 -2.43 0.24 4.33
N PHE A 123 -2.14 0.79 3.16
CA PHE A 123 -0.86 1.42 2.89
C PHE A 123 -1.04 2.66 2.02
N PHE A 124 0.03 3.45 1.98
CA PHE A 124 0.14 4.67 1.22
C PHE A 124 1.27 4.55 0.19
N ILE A 125 1.04 5.04 -1.03
CA ILE A 125 2.12 5.32 -1.98
C ILE A 125 2.14 6.84 -2.14
N CYS A 126 3.19 7.47 -1.62
CA CYS A 126 3.26 8.94 -1.65
C CYS A 126 3.55 9.45 -3.05
N THR A 127 2.95 10.60 -3.37
CA THR A 127 3.27 11.26 -4.63
C THR A 127 3.86 12.66 -4.37
N ALA A 128 4.30 12.88 -3.13
CA ALA A 128 4.93 14.12 -2.69
C ALA A 128 5.70 13.84 -1.41
N LYS A 129 6.48 14.81 -0.94
CA LYS A 129 7.16 14.69 0.33
C LYS A 129 6.19 15.00 1.46
N THR A 130 5.96 14.04 2.34
CA THR A 130 4.92 14.16 3.37
C THR A 130 5.55 14.05 4.77
N GLU A 131 6.41 15.03 5.11
CA GLU A 131 7.27 14.92 6.29
C GLU A 131 6.49 14.88 7.61
N TRP A 132 5.29 15.45 7.62
CA TRP A 132 4.42 15.46 8.80
C TRP A 132 3.92 14.09 9.25
N LEU A 133 4.07 13.08 8.41
CA LEU A 133 3.77 11.69 8.74
C LEU A 133 4.93 10.96 9.41
N ASP A 134 6.13 11.54 9.37
CA ASP A 134 7.28 10.93 10.02
C ASP A 134 7.01 10.70 11.50
N GLY A 135 7.39 9.51 11.99
CA GLY A 135 7.20 9.17 13.40
C GLY A 135 5.79 8.73 13.76
N LYS A 136 4.89 8.78 12.79
CA LYS A 136 3.51 8.31 12.99
C LYS A 136 3.18 7.13 12.09
N HIS A 137 3.73 7.11 10.88
CA HIS A 137 3.50 6.03 9.94
C HIS A 137 4.80 5.35 9.60
N VAL A 138 4.79 4.02 9.67
CA VAL A 138 5.98 3.22 9.39
C VAL A 138 6.23 3.11 7.90
N VAL A 139 7.39 3.62 7.47
CA VAL A 139 7.83 3.52 6.09
C VAL A 139 8.58 2.20 5.91
N PHE A 140 8.19 1.43 4.89
CA PHE A 140 8.71 0.07 4.74
C PHE A 140 9.21 -0.27 3.35
N GLY A 141 9.19 0.69 2.43
CA GLY A 141 9.68 0.40 1.10
C GLY A 141 9.56 1.58 0.18
N ARG A 142 9.79 1.33 -1.10
CA ARG A 142 9.67 2.37 -2.12
CA ARG A 142 9.61 2.35 -2.11
C ARG A 142 9.37 1.79 -3.50
N VAL A 143 8.71 2.60 -4.30
CA VAL A 143 8.49 2.27 -5.71
C VAL A 143 9.83 2.37 -6.44
N VAL A 144 10.16 1.32 -7.19
CA VAL A 144 11.38 1.30 -7.98
C VAL A 144 11.11 1.28 -9.49
N GLU A 145 9.90 0.89 -9.87
CA GLU A 145 9.43 0.97 -11.25
C GLU A 145 7.96 1.33 -11.27
N GLY A 146 7.57 2.10 -12.26
CA GLY A 146 6.18 2.41 -12.49
C GLY A 146 5.67 3.65 -11.79
N MET A 147 6.53 4.62 -11.49
CA MET A 147 5.98 5.89 -11.02
C MET A 147 5.07 6.53 -12.07
N ASN A 148 5.29 6.25 -13.35
CA ASN A 148 4.38 6.77 -14.37
C ASN A 148 2.99 6.15 -14.24
N VAL A 149 2.93 4.91 -13.78
CA VAL A 149 1.65 4.25 -13.51
C VAL A 149 0.97 4.92 -12.31
N VAL A 150 1.74 5.19 -11.27
CA VAL A 150 1.27 5.91 -10.10
C VAL A 150 0.67 7.26 -10.54
N LYS A 151 1.37 7.96 -11.44
CA LYS A 151 0.90 9.26 -11.93
C LYS A 151 -0.43 9.12 -12.68
N ALA A 152 -0.56 8.07 -13.46
CA ALA A 152 -1.79 7.81 -14.21
C ALA A 152 -2.96 7.56 -13.25
N VAL A 153 -2.70 6.82 -12.19
CA VAL A 153 -3.73 6.60 -11.16
C VAL A 153 -4.10 7.90 -10.46
N GLU A 154 -3.06 8.66 -10.10
CA GLU A 154 -3.22 9.92 -9.39
C GLU A 154 -4.15 10.85 -10.14
N SER A 155 -4.09 10.84 -11.47
CA SER A 155 -4.91 11.71 -12.32
CA SER A 155 -4.91 11.76 -12.25
C SER A 155 -6.41 11.36 -12.28
N LYS A 156 -6.73 10.16 -11.81
CA LYS A 156 -8.12 9.74 -11.66
C LYS A 156 -8.65 10.10 -10.26
N GLY A 157 -7.80 10.69 -9.42
CA GLY A 157 -8.21 11.06 -8.06
C GLY A 157 -8.86 12.43 -7.95
N SER A 158 -9.04 12.88 -6.73
CA SER A 158 -9.66 14.17 -6.44
C SER A 158 -9.26 14.57 -5.03
N GLN A 159 -9.59 15.79 -4.61
CA GLN A 159 -9.21 16.28 -3.28
CA GLN A 159 -9.13 16.20 -3.30
C GLN A 159 -9.87 15.47 -2.18
N SER A 160 -11.10 15.00 -2.42
CA SER A 160 -11.78 14.16 -1.42
C SER A 160 -11.22 12.74 -1.41
N GLY A 161 -10.51 12.36 -2.48
CA GLY A 161 -9.95 11.03 -2.60
C GLY A 161 -10.79 10.16 -3.52
N ARG A 162 -12.01 10.59 -3.82
CA ARG A 162 -12.90 9.84 -4.71
C ARG A 162 -12.27 9.72 -6.09
N THR A 163 -12.34 8.51 -6.66
CA THR A 163 -11.77 8.25 -7.97
C THR A 163 -12.86 8.31 -9.05
N SER A 164 -12.48 8.75 -10.25
CA SER A 164 -13.43 8.84 -11.37
C SER A 164 -13.57 7.53 -12.14
N ALA A 165 -12.69 6.58 -11.84
CA ALA A 165 -12.75 5.23 -12.37
C ALA A 165 -12.18 4.34 -11.30
N ASP A 166 -12.66 3.10 -11.23
CA ASP A 166 -12.16 2.16 -10.21
C ASP A 166 -10.71 1.80 -10.45
N ILE A 167 -9.90 1.87 -9.40
CA ILE A 167 -8.46 1.60 -9.48
C ILE A 167 -8.24 0.31 -8.72
N VAL A 168 -7.87 -0.76 -9.42
CA VAL A 168 -7.86 -2.11 -8.84
C VAL A 168 -6.47 -2.71 -9.00
N ILE A 169 -6.04 -3.43 -7.96
CA ILE A 169 -4.84 -4.26 -8.05
C ILE A 169 -5.27 -5.55 -8.73
N SER A 170 -5.11 -5.65 -10.04
CA SER A 170 -5.67 -6.77 -10.78
C SER A 170 -4.83 -8.01 -10.60
N ASP A 171 -3.54 -7.81 -10.34
CA ASP A 171 -2.64 -8.90 -10.00
C ASP A 171 -1.52 -8.37 -9.11
N CYS A 172 -0.89 -9.26 -8.38
CA CYS A 172 0.21 -8.88 -7.52
C CYS A 172 1.01 -10.10 -7.16
N GLY A 173 2.20 -9.87 -6.62
CA GLY A 173 3.06 -10.96 -6.24
C GLY A 173 4.47 -10.51 -5.96
N GLN A 174 5.35 -11.49 -5.85
CA GLN A 174 6.77 -11.24 -5.61
C GLN A 174 7.55 -11.56 -6.86
N LEU A 175 8.61 -10.79 -7.09
CA LEU A 175 9.52 -11.01 -8.22
C LEU A 175 10.81 -11.68 -7.80
S SO4 B . -5.39 -9.65 16.81
O1 SO4 B . -4.54 -8.62 16.13
O2 SO4 B . -6.62 -9.93 16.00
O3 SO4 B . -4.63 -10.90 16.98
O4 SO4 B . -5.77 -9.10 18.14
S SO4 C . -5.93 -16.17 -6.98
O1 SO4 C . -4.59 -15.67 -6.62
O2 SO4 C . -6.45 -15.41 -8.13
O3 SO4 C . -5.85 -17.60 -7.32
O4 SO4 C . -6.86 -16.01 -5.84
S SO4 D . 17.82 3.38 1.70
O1 SO4 D . 18.93 4.34 1.47
O2 SO4 D . 17.60 2.62 0.43
O3 SO4 D . 18.18 2.46 2.81
O4 SO4 D . 16.58 4.11 2.07
S SO4 E . -13.71 16.40 -4.75
O1 SO4 E . -13.44 16.72 -6.18
O2 SO4 E . -14.92 17.16 -4.36
O3 SO4 E . -13.98 14.96 -4.58
O4 SO4 E . -12.57 16.83 -3.92
CL CL F . 12.23 4.41 15.68
#